data_4BOL
#
_entry.id   4BOL
#
_cell.length_a   47.630
_cell.length_b   97.234
_cell.length_c   104.169
_cell.angle_alpha   90.00
_cell.angle_beta   90.00
_cell.angle_gamma   90.00
#
_symmetry.space_group_name_H-M   'P 21 21 21'
#
loop_
_entity.id
_entity.type
_entity.pdbx_description
1 polymer AMPDH2
2 non-polymer D-alanyl-N-[(2S,6R)-6-amino-6-carboxy-1-{[(1R)-1-carboxyethyl]amino}-1-oxohexan-2-yl]-D-glutamine
3 non-polymer 'ZINC ION'
4 water water
#
_entity_poly.entity_id   1
_entity_poly.type   'polypeptide(L)'
_entity_poly.pdbx_seq_one_letter_code
;MRSFVLLAFTLSLLAGMSSGPRLNTDYTSANQDSRVQFIVLHYTSTDLPHSLGILTHGGVSAHYLIGDDEPATVYRLVDE
NRRAWHAGVSEWQGRTWLNATSIGIEIVNQGYRDTPQGRVWYPFSEAQIQALIPLLKDIAKRHGITPDRIIGHSDIAPGR
KVDPGPLFPWKRLADAGLVPWPKPGELARRLAELNGQLPDVRWFQQQLARHGYLVPQTGELEKDTRDVIGAFQMKYRPAR
FDGEPDLETAALLLAVPTS
;
_entity_poly.pdbx_strand_id   A,B
#
# COMPACT_ATOMS: atom_id res chain seq x y z
N MET A 17 0.48 39.73 -3.03
CA MET A 17 -0.20 40.94 -3.50
C MET A 17 -1.09 40.90 -4.76
N SER A 18 -1.53 39.73 -5.26
CA SER A 18 -1.31 38.42 -4.66
C SER A 18 -1.64 37.34 -5.68
N SER A 19 -0.61 36.81 -6.32
CA SER A 19 -0.75 35.69 -7.26
C SER A 19 0.43 34.72 -7.19
N GLY A 20 0.18 33.48 -7.59
CA GLY A 20 0.92 32.34 -7.10
C GLY A 20 -0.08 31.63 -6.18
N PRO A 21 0.28 30.47 -5.62
CA PRO A 21 -0.73 29.76 -4.81
C PRO A 21 -0.80 30.22 -3.34
N ARG A 22 0.32 30.54 -2.73
CA ARG A 22 0.45 30.98 -1.31
C ARG A 22 -0.38 30.24 -0.24
N LEU A 23 0.20 29.16 0.20
CA LEU A 23 -0.43 28.29 1.19
C LEU A 23 -0.56 28.94 2.54
N ASN A 24 -1.60 28.53 3.27
CA ASN A 24 -1.71 28.86 4.67
C ASN A 24 -1.17 27.67 5.47
N THR A 25 -0.10 27.92 6.23
CA THR A 25 0.54 26.84 7.00
C THR A 25 0.44 27.12 8.50
N ASP A 26 -0.58 27.86 8.90
CA ASP A 26 -0.78 28.19 10.31
C ASP A 26 -1.30 27.03 11.16
N TYR A 27 -1.85 26.00 10.53
CA TYR A 27 -2.44 24.87 11.25
C TYR A 27 -1.73 23.58 10.90
N THR A 28 -1.44 22.74 11.90
CA THR A 28 -0.97 21.40 11.60
C THR A 28 -1.72 20.34 12.42
N SER A 29 -2.01 19.24 11.75
CA SER A 29 -2.80 18.20 12.37
C SER A 29 -2.01 17.40 13.38
N ALA A 30 -2.68 17.06 14.48
CA ALA A 30 -2.13 16.17 15.50
C ALA A 30 -2.20 14.69 15.09
N ASN A 31 -3.14 14.35 14.22
CA ASN A 31 -3.42 12.97 13.87
C ASN A 31 -2.71 12.58 12.58
N GLN A 32 -1.44 12.23 12.70
CA GLN A 32 -0.66 11.87 11.54
C GLN A 32 0.49 11.01 12.06
N ASP A 33 1.12 10.28 11.14
CA ASP A 33 2.28 9.48 11.50
C ASP A 33 3.15 9.21 10.29
N SER A 34 3.94 8.15 10.31
CA SER A 34 4.88 7.93 9.22
C SER A 34 4.27 7.17 8.07
N ARG A 35 4.72 7.50 6.85
CA ARG A 35 4.39 6.71 5.68
C ARG A 35 5.07 5.33 5.72
N VAL A 36 6.16 5.21 6.48
CA VAL A 36 6.88 3.94 6.57
C VAL A 36 6.26 3.08 7.67
N GLN A 37 5.68 1.95 7.27
CA GLN A 37 4.96 1.07 8.17
C GLN A 37 5.69 -0.28 8.38
N PHE A 38 6.64 -0.61 7.52
CA PHE A 38 7.31 -1.93 7.53
C PHE A 38 8.80 -1.82 7.22
N ILE A 39 9.58 -2.75 7.74
CA ILE A 39 10.97 -2.93 7.36
C ILE A 39 11.10 -4.32 6.76
N VAL A 40 11.69 -4.38 5.57
CA VAL A 40 11.88 -5.66 4.87
C VAL A 40 13.36 -5.98 4.71
N LEU A 41 13.72 -7.21 5.09
CA LEU A 41 15.09 -7.71 5.08
C LEU A 41 15.35 -8.58 3.86
N HIS A 42 16.52 -8.41 3.26
CA HIS A 42 16.92 -9.11 2.05
C HIS A 42 18.37 -9.58 2.17
N TYR A 43 18.78 -10.52 1.32
CA TYR A 43 20.21 -10.69 1.00
C TYR A 43 20.48 -10.35 -0.47
N THR A 44 21.73 -10.06 -0.78
CA THR A 44 22.09 -9.59 -2.12
C THR A 44 22.30 -10.71 -3.13
N SER A 45 22.70 -11.89 -2.63
CA SER A 45 23.10 -13.04 -3.47
C SER A 45 24.45 -12.86 -4.17
N THR A 46 25.17 -11.79 -3.87
CA THR A 46 26.41 -11.48 -4.59
C THR A 46 27.40 -10.70 -3.72
N ASP A 47 28.62 -10.53 -4.24
CA ASP A 47 29.70 -9.84 -3.51
C ASP A 47 29.39 -8.35 -3.31
N LEU A 48 30.13 -7.66 -2.44
CA LEU A 48 29.81 -6.26 -2.11
C LEU A 48 29.90 -5.26 -3.29
N PRO A 49 31.01 -5.29 -4.05
CA PRO A 49 31.01 -4.30 -5.14
C PRO A 49 29.93 -4.54 -6.20
N HIS A 50 29.68 -5.79 -6.54
CA HIS A 50 28.62 -6.11 -7.46
C HIS A 50 27.27 -5.73 -6.86
N SER A 51 27.07 -6.03 -5.56
CA SER A 51 25.83 -5.70 -4.88
C SER A 51 25.56 -4.20 -5.00
N LEU A 52 26.57 -3.40 -4.71
CA LEU A 52 26.44 -1.95 -4.83
C LEU A 52 26.11 -1.53 -6.26
N GLY A 53 26.74 -2.15 -7.25
CA GLY A 53 26.45 -1.83 -8.65
C GLY A 53 24.99 -2.06 -9.02
N ILE A 54 24.46 -3.20 -8.58
CA ILE A 54 23.09 -3.57 -8.87
C ILE A 54 22.14 -2.59 -8.16
N LEU A 55 22.43 -2.26 -6.91
CA LEU A 55 21.49 -1.49 -6.11
C LEU A 55 21.53 -0.02 -6.43
N THR A 56 22.56 0.41 -7.15
CA THR A 56 22.69 1.80 -7.58
C THR A 56 22.41 2.05 -9.09
N HIS A 57 22.64 1.06 -9.94
CA HIS A 57 22.45 1.24 -11.38
C HIS A 57 21.61 0.16 -12.09
N GLY A 58 20.98 -0.74 -11.33
CA GLY A 58 20.30 -1.92 -11.87
C GLY A 58 18.78 -2.09 -11.75
N GLY A 59 18.06 -1.01 -11.57
CA GLY A 59 16.59 -1.13 -11.57
C GLY A 59 15.92 -1.72 -10.34
N VAL A 60 16.71 -2.17 -9.38
CA VAL A 60 16.29 -2.41 -8.03
C VAL A 60 17.11 -1.54 -7.11
N SER A 61 16.66 -1.36 -5.88
CA SER A 61 17.43 -0.56 -4.94
C SER A 61 16.92 -0.86 -3.54
N ALA A 62 17.65 -0.36 -2.56
CA ALA A 62 17.23 -0.51 -1.17
C ALA A 62 17.75 0.70 -0.43
N HIS A 63 17.17 0.98 0.73
CA HIS A 63 17.62 2.11 1.52
C HIS A 63 18.98 1.90 2.16
N TYR A 64 19.22 0.71 2.68
CA TYR A 64 20.45 0.39 3.35
C TYR A 64 21.04 -0.91 2.81
N LEU A 65 22.38 -0.93 2.74
CA LEU A 65 23.13 -2.13 2.43
C LEU A 65 24.14 -2.38 3.55
N ILE A 66 24.17 -3.60 4.06
CA ILE A 66 25.13 -4.00 5.11
C ILE A 66 26.19 -4.87 4.50
N GLY A 67 27.42 -4.40 4.61
CA GLY A 67 28.55 -5.05 4.00
C GLY A 67 29.00 -6.29 4.74
N ASP A 68 30.01 -6.94 4.20
CA ASP A 68 30.54 -8.20 4.73
C ASP A 68 31.94 -7.99 5.31
N ASP A 69 32.26 -6.73 5.62
CA ASP A 69 33.51 -6.39 6.29
C ASP A 69 33.35 -6.46 7.82
N GLU A 70 34.44 -6.33 8.58
CA GLU A 70 34.37 -6.30 10.05
C GLU A 70 35.10 -5.09 10.63
N PRO A 71 34.38 -4.16 11.26
CA PRO A 71 32.93 -4.08 11.44
C PRO A 71 32.23 -3.99 10.10
N ALA A 72 30.95 -4.31 10.05
CA ALA A 72 30.18 -4.33 8.81
C ALA A 72 29.68 -2.94 8.47
N THR A 73 30.20 -2.36 7.38
CA THR A 73 29.78 -1.04 6.95
C THR A 73 28.30 -1.02 6.57
N VAL A 74 27.60 0.04 6.97
CA VAL A 74 26.23 0.27 6.55
C VAL A 74 26.20 1.43 5.56
N TYR A 75 25.80 1.12 4.34
CA TYR A 75 25.66 2.12 3.29
C TYR A 75 24.22 2.56 3.15
N ARG A 76 24.02 3.88 3.19
CA ARG A 76 22.73 4.46 2.83
C ARG A 76 22.71 4.78 1.35
N LEU A 77 21.80 4.15 0.62
CA LEU A 77 21.73 4.28 -0.84
C LEU A 77 20.51 5.07 -1.33
N VAL A 78 19.44 5.04 -0.55
CA VAL A 78 18.21 5.80 -0.83
C VAL A 78 17.72 6.45 0.47
N ASP A 79 17.39 7.74 0.42
CA ASP A 79 16.90 8.44 1.59
C ASP A 79 15.62 7.78 2.05
N GLU A 80 15.40 7.75 3.36
CA GLU A 80 14.21 7.09 3.91
C GLU A 80 12.90 7.72 3.41
N ASN A 81 12.95 9.00 3.02
CA ASN A 81 11.73 9.67 2.55
C ASN A 81 11.39 9.37 1.09
N ARG A 82 12.18 8.51 0.46
CA ARG A 82 11.97 8.12 -0.93
C ARG A 82 11.62 6.63 -1.01
N ARG A 83 10.98 6.26 -2.12
CA ARG A 83 10.60 4.88 -2.38
C ARG A 83 11.74 4.15 -3.08
N ALA A 84 12.31 3.16 -2.39
CA ALA A 84 13.28 2.26 -2.99
C ALA A 84 12.55 1.06 -3.58
N TRP A 85 13.20 0.36 -4.51
CA TRP A 85 12.55 -0.68 -5.28
C TRP A 85 13.08 -2.05 -4.89
N HIS A 86 12.54 -2.59 -3.80
CA HIS A 86 13.07 -3.80 -3.20
C HIS A 86 12.05 -4.88 -2.97
N ALA A 87 10.76 -4.54 -2.84
CA ALA A 87 9.75 -5.52 -2.40
C ALA A 87 9.00 -6.19 -3.53
N GLY A 88 8.83 -5.46 -4.63
CA GLY A 88 8.05 -5.93 -5.76
C GLY A 88 6.63 -6.30 -5.38
N VAL A 89 6.09 -7.29 -6.07
CA VAL A 89 4.76 -7.82 -5.77
C VAL A 89 4.83 -8.43 -4.38
N SER A 90 3.98 -7.95 -3.47
CA SER A 90 4.18 -8.16 -2.04
C SER A 90 2.92 -7.87 -1.26
N GLU A 91 2.78 -8.56 -0.13
CA GLU A 91 1.68 -8.28 0.79
C GLU A 91 2.04 -8.66 2.22
N TRP A 92 1.71 -7.79 3.18
CA TRP A 92 1.85 -8.12 4.60
C TRP A 92 0.70 -7.47 5.37
N GLN A 93 0.00 -8.27 6.17
CA GLN A 93 -1.14 -7.80 6.97
C GLN A 93 -2.14 -7.04 6.12
N GLY A 94 -2.37 -7.51 4.90
CA GLY A 94 -3.35 -6.93 4.00
C GLY A 94 -2.91 -5.72 3.20
N ARG A 95 -1.72 -5.20 3.52
CA ARG A 95 -1.05 -4.13 2.78
C ARG A 95 -0.28 -4.68 1.61
N THR A 96 -0.60 -4.22 0.39
CA THR A 96 0.02 -4.72 -0.83
C THR A 96 1.02 -3.73 -1.36
N TRP A 97 1.88 -4.18 -2.29
CA TRP A 97 2.83 -3.31 -2.95
C TRP A 97 3.67 -2.49 -1.96
N LEU A 98 4.46 -3.18 -1.17
CA LEU A 98 5.06 -2.58 0.01
C LEU A 98 6.15 -1.54 -0.18
N ASN A 99 6.74 -1.41 -1.37
CA ASN A 99 7.79 -0.40 -1.57
C ASN A 99 7.43 0.97 -0.96
N ALA A 100 6.23 1.46 -1.30
CA ALA A 100 5.87 2.82 -0.92
C ALA A 100 5.79 3.01 0.60
N THR A 101 5.53 1.93 1.32
CA THR A 101 5.34 2.00 2.77
C THR A 101 6.38 1.24 3.58
N SER A 102 7.55 0.99 2.99
CA SER A 102 8.59 0.22 3.67
C SER A 102 9.98 0.81 3.50
N ILE A 103 10.85 0.43 4.43
CA ILE A 103 12.27 0.60 4.30
C ILE A 103 12.86 -0.79 4.01
N GLY A 104 13.69 -0.85 2.97
CA GLY A 104 14.36 -2.07 2.56
C GLY A 104 15.79 -2.10 3.03
N ILE A 105 16.20 -3.21 3.64
CA ILE A 105 17.58 -3.42 4.06
C ILE A 105 18.12 -4.69 3.41
N GLU A 106 19.23 -4.50 2.72
CA GLU A 106 19.94 -5.56 2.02
C GLU A 106 21.19 -5.94 2.78
N ILE A 107 21.50 -7.24 2.83
CA ILE A 107 22.71 -7.72 3.49
C ILE A 107 23.57 -8.51 2.50
N VAL A 108 24.86 -8.15 2.41
CA VAL A 108 25.77 -8.87 1.51
C VAL A 108 25.91 -10.30 2.00
N ASN A 109 25.43 -11.24 1.20
CA ASN A 109 25.44 -12.66 1.56
C ASN A 109 25.15 -13.44 0.29
N GLN A 110 25.81 -14.58 0.09
CA GLN A 110 25.69 -15.26 -1.18
C GLN A 110 24.30 -15.87 -1.42
N GLY A 111 23.51 -16.00 -0.36
CA GLY A 111 22.18 -16.56 -0.46
C GLY A 111 22.23 -18.07 -0.54
N TYR A 112 21.76 -18.62 -1.66
CA TYR A 112 21.89 -20.05 -1.87
C TYR A 112 22.61 -20.32 -3.17
N ARG A 113 23.17 -21.52 -3.26
CA ARG A 113 23.72 -22.01 -4.50
C ARG A 113 23.12 -23.38 -4.78
N ASP A 114 22.78 -23.63 -6.04
CA ASP A 114 22.27 -24.94 -6.45
C ASP A 114 23.44 -25.83 -6.87
N THR A 115 23.50 -27.02 -6.25
CA THR A 115 24.59 -27.96 -6.45
C THR A 115 23.98 -29.32 -6.87
N PRO A 116 24.79 -30.19 -7.50
CA PRO A 116 24.27 -31.48 -7.93
C PRO A 116 23.73 -32.34 -6.78
N GLN A 117 24.21 -32.06 -5.57
CA GLN A 117 23.74 -32.74 -4.38
C GLN A 117 22.46 -32.11 -3.84
N GLY A 118 22.35 -30.79 -4.00
CA GLY A 118 21.18 -30.06 -3.55
C GLY A 118 21.45 -28.57 -3.36
N ARG A 119 20.53 -27.89 -2.69
CA ARG A 119 20.63 -26.45 -2.50
C ARG A 119 21.30 -26.10 -1.16
N VAL A 120 22.41 -25.36 -1.23
CA VAL A 120 23.18 -25.00 -0.04
C VAL A 120 23.02 -23.53 0.31
N TRP A 121 23.15 -23.20 1.60
CA TRP A 121 23.01 -21.81 2.07
C TRP A 121 24.28 -21.32 2.78
N TYR A 122 24.45 -20.00 2.81
CA TYR A 122 25.67 -19.39 3.36
C TYR A 122 25.36 -18.56 4.61
N PRO A 123 26.16 -18.75 5.67
CA PRO A 123 25.73 -18.08 6.91
C PRO A 123 26.03 -16.57 6.90
N PHE A 124 25.42 -15.86 7.85
CA PHE A 124 25.61 -14.41 8.05
C PHE A 124 26.66 -14.21 9.13
N SER A 125 27.49 -13.18 9.01
CA SER A 125 28.51 -12.95 10.00
C SER A 125 27.97 -12.23 11.24
N GLU A 126 28.62 -12.43 12.37
CA GLU A 126 28.23 -11.76 13.61
C GLU A 126 28.36 -10.26 13.46
N ALA A 127 29.42 -9.77 12.80
CA ALA A 127 29.51 -8.33 12.54
C ALA A 127 28.30 -7.76 11.81
N GLN A 128 27.70 -8.51 10.87
CA GLN A 128 26.55 -7.98 10.14
C GLN A 128 25.36 -7.86 11.06
N ILE A 129 25.22 -8.83 11.96
CA ILE A 129 24.09 -8.80 12.88
C ILE A 129 24.25 -7.66 13.89
N GLN A 130 25.48 -7.42 14.30
CA GLN A 130 25.79 -6.30 15.22
C GLN A 130 25.63 -4.92 14.57
N ALA A 131 25.75 -4.84 13.25
CA ALA A 131 25.40 -3.62 12.54
C ALA A 131 23.88 -3.50 12.38
N LEU A 132 23.22 -4.63 12.09
CA LEU A 132 21.80 -4.64 11.77
C LEU A 132 20.93 -4.25 12.97
N ILE A 133 21.23 -4.81 14.15
CA ILE A 133 20.38 -4.62 15.31
C ILE A 133 20.23 -3.12 15.67
N PRO A 134 21.35 -2.41 15.87
CA PRO A 134 21.22 -0.96 16.13
C PRO A 134 20.55 -0.16 14.99
N LEU A 135 20.79 -0.54 13.74
CA LEU A 135 20.14 0.10 12.60
C LEU A 135 18.61 -0.08 12.70
N LEU A 136 18.17 -1.30 12.93
CA LEU A 136 16.74 -1.58 13.09
C LEU A 136 16.10 -0.84 14.26
N LYS A 137 16.78 -0.82 15.41
CA LYS A 137 16.24 -0.09 16.55
C LYS A 137 16.05 1.38 16.21
N ASP A 138 17.01 1.94 15.48
CA ASP A 138 16.97 3.35 15.15
C ASP A 138 15.81 3.64 14.19
N ILE A 139 15.71 2.85 13.13
CA ILE A 139 14.62 2.99 12.16
C ILE A 139 13.27 2.78 12.85
N ALA A 140 13.15 1.72 13.66
CA ALA A 140 11.86 1.41 14.29
C ALA A 140 11.39 2.49 15.24
N LYS A 141 12.32 3.09 15.97
CA LYS A 141 11.96 4.13 16.93
C LYS A 141 11.50 5.37 16.19
N ARG A 142 12.24 5.75 15.17
CA ARG A 142 11.92 6.97 14.43
C ARG A 142 10.58 6.88 13.68
N HIS A 143 10.23 5.70 13.18
CA HIS A 143 8.99 5.52 12.41
C HIS A 143 7.85 4.81 13.14
N GLY A 144 8.08 4.41 14.38
CA GLY A 144 7.03 3.76 15.15
C GLY A 144 6.65 2.40 14.60
N ILE A 145 7.66 1.62 14.26
CA ILE A 145 7.50 0.32 13.65
C ILE A 145 7.58 -0.77 14.70
N THR A 146 6.51 -1.55 14.81
CA THR A 146 6.43 -2.60 15.80
C THR A 146 7.05 -3.88 15.28
N PRO A 147 7.41 -4.79 16.23
CA PRO A 147 8.14 -5.98 15.84
C PRO A 147 7.48 -6.84 14.78
N ASP A 148 6.15 -6.90 14.76
CA ASP A 148 5.44 -7.71 13.79
C ASP A 148 5.53 -7.18 12.36
N ARG A 149 6.08 -5.99 12.19
CA ARG A 149 6.21 -5.32 10.91
CA ARG A 149 6.21 -5.38 10.88
C ARG A 149 7.67 -5.22 10.44
N ILE A 150 8.57 -5.94 11.12
CA ILE A 150 9.94 -6.12 10.68
C ILE A 150 10.05 -7.57 10.18
N ILE A 151 10.08 -7.73 8.85
CA ILE A 151 9.85 -9.02 8.20
C ILE A 151 10.82 -9.26 7.04
N GLY A 152 10.81 -10.49 6.53
CA GLY A 152 11.65 -10.85 5.42
C GLY A 152 10.94 -10.77 4.09
N HIS A 153 11.74 -10.72 3.04
CA HIS A 153 11.16 -10.71 1.69
C HIS A 153 10.32 -11.95 1.53
N SER A 154 10.78 -13.04 2.10
CA SER A 154 10.06 -14.32 1.99
C SER A 154 8.67 -14.30 2.64
N ASP A 155 8.48 -13.45 3.66
CA ASP A 155 7.18 -13.34 4.33
C ASP A 155 6.17 -12.61 3.44
N ILE A 156 6.67 -11.65 2.69
CA ILE A 156 5.78 -10.79 1.89
C ILE A 156 5.59 -11.30 0.45
N ALA A 157 6.49 -12.17 0.01
CA ALA A 157 6.42 -12.77 -1.31
C ALA A 157 6.70 -14.26 -1.21
N PRO A 158 5.88 -14.99 -0.46
CA PRO A 158 6.16 -16.41 -0.24
C PRO A 158 6.16 -17.21 -1.54
N GLY A 159 7.15 -18.09 -1.63
CA GLY A 159 7.30 -18.92 -2.81
C GLY A 159 8.13 -18.26 -3.89
N ARG A 160 7.90 -16.98 -4.11
CA ARG A 160 8.61 -16.20 -5.11
C ARG A 160 10.01 -15.82 -4.67
N LYS A 161 10.12 -15.42 -3.41
CA LYS A 161 11.40 -15.03 -2.82
C LYS A 161 11.66 -15.83 -1.57
N VAL A 162 12.94 -16.21 -1.38
CA VAL A 162 13.33 -17.00 -0.24
C VAL A 162 14.33 -16.29 0.66
N ASP A 163 14.68 -15.04 0.35
CA ASP A 163 15.56 -14.28 1.27
C ASP A 163 14.80 -13.70 2.46
N PRO A 164 15.47 -13.56 3.62
CA PRO A 164 16.89 -13.80 3.88
C PRO A 164 17.27 -15.24 4.14
N GLY A 165 16.33 -16.18 4.08
CA GLY A 165 16.68 -17.59 4.06
C GLY A 165 16.78 -18.28 5.42
N PRO A 166 16.95 -19.60 5.41
CA PRO A 166 16.89 -20.43 6.63
C PRO A 166 18.02 -20.18 7.64
N LEU A 167 19.12 -19.54 7.19
CA LEU A 167 20.26 -19.32 8.08
C LEU A 167 20.22 -17.94 8.69
N PHE A 168 19.23 -17.13 8.34
CA PHE A 168 19.13 -15.79 8.91
C PHE A 168 18.78 -15.89 10.39
N PRO A 169 19.53 -15.20 11.27
CA PRO A 169 19.34 -15.40 12.72
C PRO A 169 18.19 -14.58 13.30
N TRP A 170 16.97 -14.94 12.94
CA TRP A 170 15.81 -14.27 13.47
C TRP A 170 15.82 -14.19 14.99
N LYS A 171 16.24 -15.26 15.65
CA LYS A 171 16.27 -15.27 17.12
C LYS A 171 17.16 -14.19 17.71
N ARG A 172 18.25 -13.82 17.03
CA ARG A 172 19.08 -12.73 17.53
C ARG A 172 18.30 -11.41 17.53
N LEU A 173 17.48 -11.20 16.50
CA LEU A 173 16.64 -10.01 16.39
C LEU A 173 15.58 -10.07 17.47
N ALA A 174 15.02 -11.25 17.70
CA ALA A 174 13.99 -11.38 18.75
C ALA A 174 14.56 -11.09 20.13
N ASP A 175 15.76 -11.58 20.41
CA ASP A 175 16.41 -11.30 21.68
C ASP A 175 16.53 -9.79 21.96
N ALA A 176 16.65 -9.03 20.89
CA ALA A 176 16.79 -7.56 20.94
C ALA A 176 15.44 -6.86 20.94
N GLY A 177 14.37 -7.64 20.85
CA GLY A 177 13.01 -7.12 20.91
C GLY A 177 12.47 -6.61 19.59
N LEU A 178 13.08 -7.03 18.49
CA LEU A 178 12.77 -6.52 17.16
C LEU A 178 11.82 -7.33 16.29
N VAL A 179 11.68 -8.63 16.56
CA VAL A 179 10.72 -9.46 15.83
C VAL A 179 10.04 -10.42 16.79
N PRO A 180 8.87 -10.95 16.40
CA PRO A 180 8.16 -11.85 17.31
C PRO A 180 8.84 -13.21 17.36
N TRP A 181 8.81 -13.84 18.52
CA TRP A 181 9.40 -15.15 18.69
C TRP A 181 8.66 -15.84 19.86
N PRO A 182 8.44 -17.16 19.77
CA PRO A 182 7.77 -17.80 20.91
C PRO A 182 8.45 -17.56 22.26
N LYS A 183 7.71 -17.28 23.32
CA LYS A 183 8.35 -17.11 24.61
C LYS A 183 8.76 -18.47 25.15
N PRO A 184 9.71 -18.50 26.09
CA PRO A 184 10.18 -19.78 26.60
C PRO A 184 9.04 -20.66 27.08
N GLY A 185 9.04 -21.90 26.63
CA GLY A 185 8.06 -22.88 27.07
C GLY A 185 6.76 -22.88 26.26
N GLU A 186 6.54 -21.85 25.46
CA GLU A 186 5.28 -21.73 24.73
C GLU A 186 5.09 -22.80 23.65
N LEU A 187 6.14 -23.10 22.89
CA LEU A 187 6.00 -24.11 21.84
C LEU A 187 5.53 -25.41 22.49
N ALA A 188 6.14 -25.78 23.61
CA ALA A 188 5.77 -27.00 24.32
C ALA A 188 4.32 -26.97 24.81
N ARG A 189 3.90 -25.82 25.33
CA ARG A 189 2.53 -25.68 25.83
C ARG A 189 1.51 -25.81 24.69
N ARG A 190 1.81 -25.24 23.52
CA ARG A 190 0.86 -25.30 22.41
C ARG A 190 0.84 -26.71 21.81
N LEU A 191 1.98 -27.38 21.78
CA LEU A 191 1.99 -28.75 21.32
C LEU A 191 1.07 -29.59 22.23
N ALA A 192 1.10 -29.32 23.53
CA ALA A 192 0.26 -30.05 24.47
C ALA A 192 -1.24 -29.76 24.26
N GLU A 193 -1.55 -28.51 23.91
CA GLU A 193 -2.90 -28.10 23.55
C GLU A 193 -3.44 -28.88 22.35
N LEU A 194 -2.65 -29.11 21.33
CA LEU A 194 -3.11 -29.80 20.13
C LEU A 194 -3.31 -31.27 20.43
N ASN A 195 -2.49 -31.79 21.33
CA ASN A 195 -2.62 -33.15 21.82
C ASN A 195 -2.66 -34.22 20.72
N GLY A 196 -1.73 -34.11 19.78
CA GLY A 196 -1.60 -35.11 18.72
C GLY A 196 -2.53 -34.93 17.53
N GLN A 197 -3.41 -33.93 17.59
CA GLN A 197 -4.47 -33.79 16.59
C GLN A 197 -4.06 -32.72 15.59
N LEU A 198 -3.71 -33.13 14.37
CA LEU A 198 -3.27 -32.17 13.37
C LEU A 198 -4.47 -31.37 12.84
N PRO A 199 -4.45 -30.04 12.95
CA PRO A 199 -5.60 -29.31 12.37
C PRO A 199 -5.68 -29.47 10.85
N ASP A 200 -6.84 -29.17 10.28
CA ASP A 200 -7.00 -29.30 8.83
C ASP A 200 -6.34 -28.13 8.10
N VAL A 201 -6.25 -28.26 6.78
CA VAL A 201 -5.55 -27.27 5.98
C VAL A 201 -6.19 -25.88 6.11
N ARG A 202 -7.51 -25.83 6.18
CA ARG A 202 -8.19 -24.53 6.35
C ARG A 202 -7.73 -23.80 7.60
N TRP A 203 -7.57 -24.52 8.70
CA TRP A 203 -7.05 -23.97 9.95
C TRP A 203 -5.64 -23.38 9.75
N PHE A 204 -4.76 -24.10 9.06
CA PHE A 204 -3.44 -23.53 8.77
C PHE A 204 -3.53 -22.23 7.96
N GLN A 205 -4.43 -22.22 6.98
CA GLN A 205 -4.64 -21.04 6.16
C GLN A 205 -5.16 -19.88 7.01
N GLN A 206 -6.08 -20.17 7.91
CA GLN A 206 -6.59 -19.14 8.81
C GLN A 206 -5.49 -18.56 9.70
N GLN A 207 -4.63 -19.43 10.23
CA GLN A 207 -3.57 -18.97 11.13
C GLN A 207 -2.56 -18.12 10.38
N LEU A 208 -2.15 -18.57 9.20
CA LEU A 208 -1.17 -17.83 8.41
C LEU A 208 -1.68 -16.43 8.06
N ALA A 209 -2.95 -16.32 7.73
CA ALA A 209 -3.54 -15.02 7.37
C ALA A 209 -3.51 -14.10 8.59
N ARG A 210 -3.76 -14.68 9.76
CA ARG A 210 -3.78 -13.95 11.04
C ARG A 210 -2.42 -13.36 11.35
N HIS A 211 -1.37 -14.12 11.04
CA HIS A 211 -0.01 -13.65 11.24
C HIS A 211 0.41 -12.59 10.22
N GLY A 212 -0.33 -12.50 9.11
CA GLY A 212 -0.04 -11.50 8.10
C GLY A 212 0.21 -11.95 6.69
N TYR A 213 0.32 -13.25 6.46
CA TYR A 213 0.59 -13.81 5.15
C TYR A 213 -0.64 -13.73 4.21
N LEU A 214 -0.36 -13.44 2.96
CA LEU A 214 -1.30 -13.66 1.87
C LEU A 214 -1.33 -15.16 1.60
N VAL A 215 -2.50 -15.76 1.76
CA VAL A 215 -2.66 -17.19 1.60
C VAL A 215 -4.06 -17.47 1.11
N PRO A 216 -4.24 -18.55 0.34
CA PRO A 216 -5.61 -18.93 -0.01
C PRO A 216 -6.41 -19.36 1.20
N GLN A 217 -7.74 -19.36 1.06
CA GLN A 217 -8.64 -19.83 2.11
C GLN A 217 -9.55 -20.94 1.59
N THR A 218 -8.98 -21.81 0.77
CA THR A 218 -9.75 -22.84 0.05
C THR A 218 -9.86 -24.17 0.78
N GLY A 219 -9.14 -24.30 1.89
CA GLY A 219 -9.10 -25.57 2.59
C GLY A 219 -8.32 -26.66 1.85
N GLU A 220 -7.69 -26.32 0.72
CA GLU A 220 -7.00 -27.32 -0.10
C GLU A 220 -5.51 -27.05 -0.11
N LEU A 221 -4.70 -28.09 0.03
CA LEU A 221 -3.25 -27.92 0.08
C LEU A 221 -2.66 -27.97 -1.32
N GLU A 222 -2.73 -26.85 -2.02
CA GLU A 222 -2.08 -26.70 -3.31
C GLU A 222 -0.78 -25.90 -3.16
N LYS A 223 -0.05 -25.77 -4.26
CA LYS A 223 1.25 -25.12 -4.24
C LYS A 223 1.18 -23.73 -3.59
N ASP A 224 0.12 -22.97 -3.88
CA ASP A 224 0.05 -21.62 -3.32
C ASP A 224 -0.08 -21.58 -1.79
N THR A 225 -0.61 -22.64 -1.19
CA THR A 225 -0.67 -22.73 0.26
C THR A 225 0.60 -23.34 0.81
N ARG A 226 1.08 -24.41 0.17
CA ARG A 226 2.33 -25.02 0.56
C ARG A 226 3.47 -23.98 0.67
N ASP A 227 3.56 -23.11 -0.33
CA ASP A 227 4.60 -22.09 -0.36
C ASP A 227 4.54 -21.16 0.86
N VAL A 228 3.34 -20.88 1.35
CA VAL A 228 3.20 -19.99 2.52
C VAL A 228 3.53 -20.72 3.81
N ILE A 229 3.06 -21.95 3.94
CA ILE A 229 3.47 -22.76 5.06
C ILE A 229 4.98 -22.85 5.08
N GLY A 230 5.59 -23.07 3.92
CA GLY A 230 7.05 -23.21 3.84
C GLY A 230 7.78 -21.94 4.20
N ALA A 231 7.27 -20.80 3.78
CA ALA A 231 7.87 -19.52 4.20
C ALA A 231 7.85 -19.31 5.72
N PHE A 232 6.73 -19.65 6.35
CA PHE A 232 6.61 -19.57 7.82
C PHE A 232 7.62 -20.53 8.47
N GLN A 233 7.70 -21.77 7.98
CA GLN A 233 8.67 -22.74 8.48
C GLN A 233 10.10 -22.28 8.29
N MET A 234 10.38 -21.64 7.16
CA MET A 234 11.76 -21.24 6.88
C MET A 234 12.25 -20.22 7.90
N LYS A 235 11.31 -19.52 8.51
CA LYS A 235 11.62 -18.50 9.50
C LYS A 235 11.62 -19.05 10.92
N TYR A 236 10.62 -19.87 11.24
CA TYR A 236 10.42 -20.31 12.62
C TYR A 236 10.82 -21.77 12.88
N ARG A 237 10.96 -22.58 11.82
CA ARG A 237 11.28 -24.01 11.95
C ARG A 237 12.17 -24.46 10.78
N PRO A 238 13.32 -23.78 10.60
CA PRO A 238 14.11 -23.94 9.37
C PRO A 238 14.72 -25.31 9.15
N ALA A 239 14.65 -26.21 10.13
CA ALA A 239 15.10 -27.58 9.93
C ALA A 239 14.33 -28.27 8.80
N ARG A 240 13.10 -27.82 8.56
CA ARG A 240 12.29 -28.40 7.49
C ARG A 240 11.25 -27.41 7.03
N PHE A 241 11.36 -26.99 5.77
CA PHE A 241 10.45 -25.96 5.27
C PHE A 241 9.88 -26.30 3.91
N ASP A 242 9.47 -27.56 3.80
CA ASP A 242 8.85 -28.09 2.58
C ASP A 242 7.36 -27.72 2.45
N GLY A 243 6.81 -27.07 3.47
CA GLY A 243 5.43 -26.62 3.39
C GLY A 243 4.40 -27.68 3.73
N GLU A 244 4.88 -28.82 4.22
CA GLU A 244 3.98 -29.87 4.67
C GLU A 244 3.45 -29.54 6.07
N PRO A 245 2.11 -29.51 6.25
CA PRO A 245 1.60 -29.30 7.61
C PRO A 245 2.05 -30.40 8.58
N ASP A 246 2.45 -30.02 9.79
CA ASP A 246 2.75 -30.98 10.84
C ASP A 246 2.46 -30.36 12.20
N LEU A 247 2.56 -31.16 13.26
CA LEU A 247 2.14 -30.68 14.57
C LEU A 247 3.01 -29.55 15.07
N GLU A 248 4.32 -29.65 14.84
CA GLU A 248 5.24 -28.62 15.29
C GLU A 248 4.93 -27.29 14.63
N THR A 249 4.59 -27.31 13.34
CA THR A 249 4.24 -26.08 12.64
C THR A 249 2.92 -25.49 13.16
N ALA A 250 1.94 -26.35 13.44
CA ALA A 250 0.68 -25.89 14.03
C ALA A 250 0.96 -25.23 15.37
N ALA A 251 1.78 -25.88 16.17
CA ALA A 251 2.13 -25.35 17.47
C ALA A 251 2.81 -23.98 17.36
N LEU A 252 3.69 -23.81 16.39
CA LEU A 252 4.34 -22.51 16.18
C LEU A 252 3.33 -21.46 15.74
N LEU A 253 2.38 -21.87 14.92
CA LEU A 253 1.37 -20.89 14.44
C LEU A 253 0.58 -20.36 15.64
N LEU A 254 0.46 -21.16 16.69
CA LEU A 254 -0.20 -20.72 17.93
C LEU A 254 0.74 -19.96 18.87
N ALA A 255 2.00 -20.39 18.91
CA ALA A 255 2.94 -19.88 19.91
C ALA A 255 3.63 -18.57 19.52
N VAL A 256 3.82 -18.35 18.23
CA VAL A 256 4.44 -17.12 17.75
C VAL A 256 3.49 -15.94 18.02
N PRO A 257 3.95 -14.93 18.78
CA PRO A 257 3.07 -13.77 19.04
C PRO A 257 2.79 -12.90 17.81
N THR A 258 1.73 -12.10 17.87
CA THR A 258 1.40 -11.20 16.77
C THR A 258 1.72 -9.74 17.13
N SER A 259 2.62 -9.59 18.10
CA SER A 259 3.08 -8.29 18.55
C SER A 259 4.56 -8.41 18.90
N MET B 17 30.63 5.80 22.21
CA MET B 17 30.89 7.11 21.65
C MET B 17 30.21 7.26 20.27
N SER B 18 28.89 7.45 20.27
CA SER B 18 28.13 7.48 19.01
C SER B 18 26.79 8.20 19.12
N SER B 19 26.50 9.03 18.12
CA SER B 19 25.21 9.73 18.03
C SER B 19 24.17 8.95 17.21
N GLY B 20 24.44 7.67 16.94
CA GLY B 20 23.55 6.85 16.12
C GLY B 20 24.37 5.93 15.23
N PRO B 21 23.68 5.07 14.46
CA PRO B 21 24.43 4.17 13.56
C PRO B 21 25.26 4.97 12.57
N ARG B 22 26.51 4.56 12.34
CA ARG B 22 27.35 5.23 11.36
C ARG B 22 26.96 4.78 9.99
N LEU B 23 26.73 5.74 9.10
CA LEU B 23 26.30 5.44 7.73
C LEU B 23 27.37 5.91 6.74
N ASN B 24 27.61 5.09 5.72
CA ASN B 24 28.41 5.52 4.59
C ASN B 24 27.45 6.03 3.53
N THR B 25 27.65 7.26 3.10
CA THR B 25 26.78 7.86 2.09
C THR B 25 27.57 8.16 0.78
N ASP B 26 28.61 7.37 0.51
CA ASP B 26 29.42 7.58 -0.70
C ASP B 26 28.67 7.34 -1.99
N TYR B 27 27.58 6.60 -1.92
CA TYR B 27 26.89 6.15 -3.12
C TYR B 27 25.39 6.36 -3.05
N THR B 28 24.77 6.48 -4.24
CA THR B 28 23.35 6.77 -4.33
C THR B 28 22.71 6.09 -5.53
N SER B 29 21.51 5.56 -5.34
CA SER B 29 20.87 4.77 -6.37
C SER B 29 20.08 5.60 -7.38
N ALA B 30 20.13 5.19 -8.66
CA ALA B 30 19.32 5.79 -9.73
C ALA B 30 17.90 5.23 -9.73
N ASN B 31 17.71 4.12 -9.04
CA ASN B 31 16.45 3.41 -9.02
C ASN B 31 15.59 3.83 -7.79
N GLN B 32 14.92 5.00 -7.84
CA GLN B 32 14.04 5.44 -6.74
C GLN B 32 13.04 6.49 -7.22
N ASP B 33 11.92 6.60 -6.51
CA ASP B 33 10.94 7.64 -6.83
C ASP B 33 10.16 8.00 -5.57
N SER B 34 8.96 8.57 -5.72
CA SER B 34 8.24 9.04 -4.54
C SER B 34 7.44 7.94 -3.84
N ARG B 35 7.29 8.07 -2.52
CA ARG B 35 6.38 7.18 -1.81
C ARG B 35 4.91 7.54 -2.14
N VAL B 36 4.68 8.76 -2.58
CA VAL B 36 3.31 9.20 -2.93
C VAL B 36 3.02 8.79 -4.35
N GLN B 37 2.02 7.91 -4.50
CA GLN B 37 1.63 7.38 -5.80
C GLN B 37 0.22 7.80 -6.21
N PHE B 38 -0.56 8.32 -5.29
CA PHE B 38 -1.97 8.68 -5.55
C PHE B 38 -2.36 9.99 -4.88
N ILE B 39 -3.30 10.71 -5.48
CA ILE B 39 -3.98 11.83 -4.84
C ILE B 39 -5.45 11.46 -4.70
N VAL B 40 -5.98 11.61 -3.50
CA VAL B 40 -7.40 11.30 -3.19
C VAL B 40 -8.16 12.57 -2.82
N LEU B 41 -9.27 12.79 -3.51
CA LEU B 41 -10.12 13.94 -3.30
C LEU B 41 -11.32 13.62 -2.43
N HIS B 42 -11.64 14.55 -1.53
CA HIS B 42 -12.73 14.43 -0.58
C HIS B 42 -13.52 15.73 -0.51
N TYR B 43 -14.73 15.66 0.02
CA TYR B 43 -15.35 16.85 0.60
C TYR B 43 -15.49 16.66 2.12
N THR B 44 -15.66 17.77 2.83
CA THR B 44 -15.62 17.75 4.29
C THR B 44 -16.95 17.38 4.96
N SER B 45 -18.05 17.68 4.27
CA SER B 45 -19.42 17.56 4.80
C SER B 45 -19.70 18.53 5.92
N THR B 46 -18.88 19.58 6.04
CA THR B 46 -19.11 20.58 7.06
C THR B 46 -18.45 21.92 6.69
N ASP B 47 -18.67 22.94 7.51
CA ASP B 47 -18.20 24.30 7.21
C ASP B 47 -16.71 24.48 7.51
N LEU B 48 -16.18 25.66 7.21
CA LEU B 48 -14.73 25.87 7.33
C LEU B 48 -14.19 25.64 8.75
N PRO B 49 -14.77 26.30 9.77
CA PRO B 49 -14.18 26.13 11.11
C PRO B 49 -14.16 24.70 11.61
N HIS B 50 -15.25 23.95 11.40
CA HIS B 50 -15.27 22.56 11.86
C HIS B 50 -14.44 21.62 10.99
N SER B 51 -14.27 21.95 9.72
CA SER B 51 -13.39 21.21 8.85
C SER B 51 -11.96 21.30 9.39
N LEU B 52 -11.53 22.52 9.66
CA LEU B 52 -10.19 22.75 10.20
C LEU B 52 -9.99 22.05 11.53
N GLY B 53 -11.00 22.12 12.38
CA GLY B 53 -10.96 21.46 13.68
C GLY B 53 -10.84 19.95 13.59
N ILE B 54 -11.76 19.34 12.85
CA ILE B 54 -11.78 17.90 12.76
C ILE B 54 -10.50 17.39 12.14
N LEU B 55 -10.02 18.07 11.11
CA LEU B 55 -8.86 17.59 10.37
C LEU B 55 -7.55 17.90 11.08
N THR B 56 -7.60 18.62 12.19
CA THR B 56 -6.39 18.88 13.00
C THR B 56 -6.39 18.24 14.39
N HIS B 57 -7.57 17.92 14.92
CA HIS B 57 -7.58 17.20 16.21
C HIS B 57 -8.74 16.23 16.41
N GLY B 58 -9.46 15.94 15.34
CA GLY B 58 -10.65 15.11 15.43
C GLY B 58 -10.46 13.63 15.11
N GLY B 59 -9.21 13.15 15.13
CA GLY B 59 -8.97 11.75 14.88
C GLY B 59 -8.68 11.36 13.43
N VAL B 60 -8.78 12.33 12.52
CA VAL B 60 -8.54 12.13 11.10
C VAL B 60 -7.77 13.34 10.59
N SER B 61 -7.25 13.30 9.37
CA SER B 61 -6.51 14.44 8.84
C SER B 61 -6.38 14.34 7.33
N ALA B 62 -5.90 15.40 6.71
CA ALA B 62 -5.60 15.41 5.29
C ALA B 62 -4.45 16.37 5.08
N HIS B 63 -3.76 16.24 3.96
CA HIS B 63 -2.65 17.15 3.68
C HIS B 63 -3.07 18.57 3.38
N TYR B 64 -4.11 18.70 2.55
CA TYR B 64 -4.58 20.01 2.13
C TYR B 64 -6.06 20.13 2.35
N LEU B 65 -6.48 21.33 2.73
CA LEU B 65 -7.88 21.70 2.83
C LEU B 65 -8.14 22.96 2.01
N ILE B 66 -9.15 22.90 1.15
CA ILE B 66 -9.52 24.05 0.33
C ILE B 66 -10.77 24.71 0.90
N GLY B 67 -10.62 25.96 1.32
CA GLY B 67 -11.71 26.68 1.93
C GLY B 67 -12.80 27.12 0.96
N ASP B 68 -13.83 27.73 1.51
CA ASP B 68 -14.98 28.15 0.71
C ASP B 68 -15.07 29.67 0.66
N ASP B 69 -13.93 30.33 0.79
CA ASP B 69 -13.86 31.77 0.62
C ASP B 69 -13.53 32.11 -0.83
N GLU B 70 -13.50 33.40 -1.15
CA GLU B 70 -13.18 33.86 -2.51
C GLU B 70 -12.11 34.97 -2.51
N PRO B 71 -10.91 34.69 -3.06
CA PRO B 71 -10.48 33.39 -3.58
C PRO B 71 -10.39 32.37 -2.47
N ALA B 72 -10.30 31.10 -2.84
CA ALA B 72 -10.31 30.03 -1.87
C ALA B 72 -8.93 29.81 -1.25
N THR B 73 -8.88 29.88 0.08
CA THR B 73 -7.65 29.62 0.79
C THR B 73 -7.33 28.13 0.83
N VAL B 74 -6.08 27.78 0.53
CA VAL B 74 -5.60 26.42 0.65
C VAL B 74 -4.72 26.33 1.89
N TYR B 75 -5.08 25.41 2.77
CA TYR B 75 -4.36 25.16 4.00
C TYR B 75 -3.56 23.90 3.81
N ARG B 76 -2.29 23.92 4.21
CA ARG B 76 -1.52 22.69 4.33
C ARG B 76 -1.55 22.31 5.79
N LEU B 77 -2.11 21.15 6.09
CA LEU B 77 -2.29 20.68 7.47
C LEU B 77 -1.34 19.57 7.88
N VAL B 78 -0.89 18.75 6.93
CA VAL B 78 0.06 17.68 7.16
C VAL B 78 1.13 17.76 6.06
N ASP B 79 2.40 17.71 6.47
CA ASP B 79 3.51 17.77 5.51
C ASP B 79 3.40 16.62 4.51
N GLU B 80 3.80 16.85 3.27
CA GLU B 80 3.61 15.81 2.25
C GLU B 80 4.38 14.52 2.55
N ASN B 81 5.50 14.66 3.27
CA ASN B 81 6.28 13.48 3.65
C ASN B 81 5.73 12.69 4.84
N ARG B 82 4.56 13.08 5.34
CA ARG B 82 3.92 12.39 6.46
C ARG B 82 2.63 11.71 6.02
N ARG B 83 2.20 10.72 6.81
CA ARG B 83 0.97 10.01 6.54
C ARG B 83 -0.20 10.70 7.23
N ALA B 84 -1.09 11.28 6.42
CA ALA B 84 -2.37 11.78 6.91
C ALA B 84 -3.42 10.65 6.94
N TRP B 85 -4.50 10.85 7.70
CA TRP B 85 -5.47 9.79 7.95
C TRP B 85 -6.81 10.16 7.30
N HIS B 86 -6.89 9.90 6.00
CA HIS B 86 -8.03 10.33 5.17
C HIS B 86 -8.70 9.24 4.34
N ALA B 87 -7.98 8.18 4.00
CA ALA B 87 -8.48 7.20 3.03
C ALA B 87 -9.16 6.01 3.68
N GLY B 88 -8.70 5.64 4.87
CA GLY B 88 -9.22 4.48 5.56
C GLY B 88 -9.06 3.21 4.75
N VAL B 89 -10.02 2.30 4.93
CA VAL B 89 -10.09 1.07 4.15
C VAL B 89 -10.32 1.46 2.70
N SER B 90 -9.40 1.03 1.84
CA SER B 90 -9.30 1.58 0.51
C SER B 90 -8.48 0.72 -0.41
N GLU B 91 -8.75 0.81 -1.70
CA GLU B 91 -7.97 0.10 -2.70
C GLU B 91 -8.07 0.78 -4.04
N TRP B 92 -6.92 0.93 -4.70
CA TRP B 92 -6.90 1.39 -6.08
C TRP B 92 -5.81 0.67 -6.85
N GLN B 93 -6.16 0.08 -7.98
CA GLN B 93 -5.20 -0.58 -8.87
C GLN B 93 -4.43 -1.66 -8.08
N GLY B 94 -5.15 -2.30 -7.17
CA GLY B 94 -4.59 -3.36 -6.34
C GLY B 94 -3.78 -2.92 -5.14
N ARG B 95 -3.57 -1.63 -4.97
CA ARG B 95 -2.87 -1.07 -3.83
C ARG B 95 -3.87 -0.80 -2.71
N THR B 96 -3.66 -1.39 -1.54
CA THR B 96 -4.58 -1.25 -0.42
C THR B 96 -4.07 -0.26 0.63
N TRP B 97 -4.97 0.13 1.53
CA TRP B 97 -4.60 0.97 2.67
C TRP B 97 -3.85 2.19 2.20
N LEU B 98 -4.53 3.02 1.44
CA LEU B 98 -3.83 4.03 0.65
C LEU B 98 -3.26 5.22 1.42
N ASN B 99 -3.57 5.40 2.69
CA ASN B 99 -2.99 6.53 3.43
C ASN B 99 -1.47 6.66 3.23
N ALA B 100 -0.74 5.57 3.41
CA ALA B 100 0.71 5.64 3.40
C ALA B 100 1.29 6.11 2.07
N THR B 101 0.54 5.93 0.99
CA THR B 101 1.06 6.18 -0.34
C THR B 101 0.23 7.23 -1.08
N SER B 102 -0.53 8.01 -0.33
CA SER B 102 -1.35 9.07 -0.96
C SER B 102 -1.22 10.44 -0.29
N ILE B 103 -1.62 11.46 -1.05
CA ILE B 103 -1.86 12.79 -0.55
C ILE B 103 -3.37 12.99 -0.64
N GLY B 104 -3.95 13.42 0.47
CA GLY B 104 -5.37 13.69 0.60
C GLY B 104 -5.68 15.18 0.57
N ILE B 105 -6.68 15.52 -0.21
CA ILE B 105 -7.12 16.90 -0.39
C ILE B 105 -8.61 16.93 -0.06
N GLU B 106 -8.98 17.76 0.92
CA GLU B 106 -10.36 17.92 1.31
C GLU B 106 -10.85 19.30 0.86
N ILE B 107 -12.10 19.36 0.43
CA ILE B 107 -12.70 20.60 -0.04
C ILE B 107 -13.91 20.90 0.84
N VAL B 108 -13.94 22.09 1.41
CA VAL B 108 -15.08 22.55 2.20
C VAL B 108 -16.34 22.57 1.35
N ASN B 109 -17.27 21.70 1.71
CA ASN B 109 -18.50 21.50 0.98
C ASN B 109 -19.44 20.69 1.87
N GLN B 110 -20.72 21.03 1.88
CA GLN B 110 -21.67 20.41 2.81
C GLN B 110 -21.99 18.95 2.46
N GLY B 111 -21.64 18.50 1.26
CA GLY B 111 -21.93 17.15 0.86
C GLY B 111 -23.34 17.02 0.32
N TYR B 112 -24.15 16.20 0.96
CA TYR B 112 -25.53 15.99 0.51
C TYR B 112 -26.52 16.11 1.65
N ARG B 113 -27.78 16.26 1.29
CA ARG B 113 -28.86 16.15 2.27
C ARG B 113 -29.87 15.15 1.75
N ASP B 114 -30.50 14.44 2.67
CA ASP B 114 -31.50 13.45 2.31
C ASP B 114 -32.86 14.10 2.28
N THR B 115 -33.64 13.79 1.25
CA THR B 115 -34.96 14.36 1.06
C THR B 115 -35.84 13.20 0.62
N PRO B 116 -37.16 13.35 0.78
CA PRO B 116 -38.05 12.26 0.36
C PRO B 116 -37.92 11.97 -1.13
N GLN B 117 -37.65 13.01 -1.92
CA GLN B 117 -37.44 12.86 -3.36
C GLN B 117 -36.06 12.29 -3.71
N GLY B 118 -35.18 12.21 -2.73
CA GLY B 118 -33.89 11.59 -2.91
C GLY B 118 -32.73 12.42 -2.37
N ARG B 119 -31.53 11.94 -2.63
CA ARG B 119 -30.33 12.58 -2.11
C ARG B 119 -29.91 13.74 -3.02
N VAL B 120 -29.58 14.87 -2.40
CA VAL B 120 -29.31 16.11 -3.11
C VAL B 120 -27.99 16.65 -2.64
N TRP B 121 -27.09 16.98 -3.56
CA TRP B 121 -25.77 17.45 -3.19
C TRP B 121 -25.65 18.96 -3.38
N TYR B 122 -24.60 19.51 -2.76
CA TYR B 122 -24.28 20.94 -2.83
C TYR B 122 -23.15 21.19 -3.81
N PRO B 123 -23.25 22.23 -4.63
CA PRO B 123 -22.20 22.45 -5.63
C PRO B 123 -20.90 22.99 -5.06
N PHE B 124 -19.83 22.81 -5.83
CA PHE B 124 -18.54 23.42 -5.52
C PHE B 124 -18.47 24.79 -6.16
N SER B 125 -17.76 25.70 -5.50
CA SER B 125 -17.64 27.07 -6.00
C SER B 125 -16.53 27.16 -7.06
N GLU B 126 -16.66 28.15 -7.92
CA GLU B 126 -15.67 28.41 -8.94
C GLU B 126 -14.31 28.62 -8.30
N ALA B 127 -14.28 29.38 -7.20
CA ALA B 127 -13.02 29.73 -6.55
C ALA B 127 -12.28 28.48 -6.06
N GLN B 128 -13.04 27.48 -5.63
CA GLN B 128 -12.45 26.24 -5.14
C GLN B 128 -11.79 25.45 -6.26
N ILE B 129 -12.45 25.38 -7.40
CA ILE B 129 -11.90 24.66 -8.54
C ILE B 129 -10.68 25.39 -9.08
N GLN B 130 -10.74 26.72 -9.10
CA GLN B 130 -9.62 27.51 -9.56
C GLN B 130 -8.40 27.36 -8.66
N ALA B 131 -8.63 27.06 -7.38
CA ALA B 131 -7.53 26.79 -6.46
C ALA B 131 -7.02 25.35 -6.60
N LEU B 132 -7.96 24.43 -6.77
CA LEU B 132 -7.64 23.01 -6.81
C LEU B 132 -6.78 22.62 -8.01
N ILE B 133 -7.11 23.12 -9.19
CA ILE B 133 -6.39 22.70 -10.39
C ILE B 133 -4.89 23.01 -10.33
N PRO B 134 -4.50 24.24 -9.98
CA PRO B 134 -3.05 24.45 -9.89
C PRO B 134 -2.38 23.68 -8.76
N LEU B 135 -3.09 23.40 -7.68
CA LEU B 135 -2.52 22.60 -6.61
C LEU B 135 -2.23 21.17 -7.09
N LEU B 136 -3.19 20.60 -7.80
CA LEU B 136 -3.05 19.24 -8.33
C LEU B 136 -1.90 19.16 -9.33
N LYS B 137 -1.78 20.16 -10.19
CA LYS B 137 -0.71 20.14 -11.20
C LYS B 137 0.65 20.18 -10.49
N ASP B 138 0.73 20.97 -9.43
CA ASP B 138 1.97 21.13 -8.65
C ASP B 138 2.36 19.82 -7.94
N ILE B 139 1.40 19.21 -7.25
CA ILE B 139 1.66 17.97 -6.54
C ILE B 139 1.99 16.86 -7.52
N ALA B 140 1.25 16.79 -8.63
CA ALA B 140 1.46 15.73 -9.60
C ALA B 140 2.84 15.84 -10.24
N LYS B 141 3.27 17.06 -10.54
CA LYS B 141 4.57 17.26 -11.16
C LYS B 141 5.69 16.88 -10.19
N ARG B 142 5.56 17.28 -8.93
CA ARG B 142 6.61 17.03 -7.96
C ARG B 142 6.77 15.56 -7.59
N HIS B 143 5.66 14.82 -7.60
CA HIS B 143 5.66 13.41 -7.22
C HIS B 143 5.52 12.44 -8.39
N GLY B 144 5.38 12.96 -9.59
CA GLY B 144 5.25 12.10 -10.75
C GLY B 144 3.97 11.28 -10.76
N ILE B 145 2.88 11.89 -10.33
CA ILE B 145 1.60 11.19 -10.23
C ILE B 145 0.89 11.27 -11.59
N THR B 146 0.52 10.11 -12.11
CA THR B 146 -0.11 10.03 -13.42
C THR B 146 -1.61 10.25 -13.26
N PRO B 147 -2.28 10.68 -14.34
CA PRO B 147 -3.71 11.04 -14.25
C PRO B 147 -4.63 9.96 -13.72
N ASP B 148 -4.34 8.71 -14.02
CA ASP B 148 -5.13 7.61 -13.54
C ASP B 148 -5.10 7.40 -12.03
N ARG B 149 -4.18 8.09 -11.35
CA ARG B 149 -4.01 7.95 -9.90
C ARG B 149 -4.39 9.23 -9.13
N ILE B 150 -5.14 10.12 -9.78
CA ILE B 150 -5.79 11.24 -9.12
C ILE B 150 -7.27 10.91 -9.11
N ILE B 151 -7.77 10.48 -7.95
CA ILE B 151 -9.05 9.81 -7.85
C ILE B 151 -9.87 10.32 -6.66
N GLY B 152 -11.13 9.90 -6.59
CA GLY B 152 -11.98 10.29 -5.50
C GLY B 152 -12.04 9.25 -4.40
N HIS B 153 -12.45 9.67 -3.22
CA HIS B 153 -12.66 8.70 -2.16
C HIS B 153 -13.66 7.60 -2.61
N SER B 154 -14.66 7.99 -3.39
CA SER B 154 -15.62 7.02 -3.88
C SER B 154 -15.00 5.97 -4.78
N ASP B 155 -13.91 6.30 -5.48
CA ASP B 155 -13.25 5.31 -6.34
C ASP B 155 -12.54 4.21 -5.53
N ILE B 156 -11.95 4.60 -4.42
CA ILE B 156 -11.13 3.71 -3.62
C ILE B 156 -11.91 3.00 -2.51
N ALA B 157 -13.10 3.52 -2.22
CA ALA B 157 -14.00 2.95 -1.22
C ALA B 157 -15.44 2.95 -1.73
N PRO B 158 -15.71 2.27 -2.86
CA PRO B 158 -17.02 2.35 -3.50
C PRO B 158 -18.09 1.82 -2.58
N GLY B 159 -19.22 2.51 -2.61
CA GLY B 159 -20.30 2.16 -1.71
C GLY B 159 -20.14 2.77 -0.33
N ARG B 160 -18.97 2.58 0.29
CA ARG B 160 -18.72 3.10 1.63
C ARG B 160 -18.66 4.64 1.64
N LYS B 161 -17.98 5.21 0.65
CA LYS B 161 -17.86 6.66 0.53
C LYS B 161 -18.40 7.15 -0.81
N VAL B 162 -19.06 8.32 -0.80
CA VAL B 162 -19.56 8.91 -2.03
C VAL B 162 -18.95 10.28 -2.38
N ASP B 163 -17.98 10.75 -1.60
CA ASP B 163 -17.29 11.98 -1.94
C ASP B 163 -16.20 11.75 -2.99
N PRO B 164 -15.94 12.74 -3.88
CA PRO B 164 -16.49 14.09 -3.93
C PRO B 164 -17.85 14.27 -4.59
N GLY B 165 -18.50 13.18 -4.98
CA GLY B 165 -19.90 13.20 -5.33
C GLY B 165 -20.18 13.58 -6.78
N PRO B 166 -21.47 13.55 -7.17
CA PRO B 166 -21.89 13.70 -8.57
C PRO B 166 -21.76 15.12 -9.12
N LEU B 167 -21.54 16.11 -8.26
CA LEU B 167 -21.38 17.49 -8.72
C LEU B 167 -19.91 17.87 -8.88
N PHE B 168 -19.00 16.96 -8.61
CA PHE B 168 -17.58 17.30 -8.77
C PHE B 168 -17.26 17.39 -10.25
N PRO B 169 -16.62 18.49 -10.68
CA PRO B 169 -16.46 18.72 -12.12
C PRO B 169 -15.23 18.01 -12.71
N TRP B 170 -15.33 16.70 -12.84
CA TRP B 170 -14.20 15.90 -13.32
C TRP B 170 -13.67 16.32 -14.69
N LYS B 171 -14.55 16.70 -15.61
CA LYS B 171 -14.10 17.06 -16.97
C LYS B 171 -13.20 18.29 -16.93
N ARG B 172 -13.40 19.20 -15.97
CA ARG B 172 -12.52 20.37 -15.83
C ARG B 172 -11.09 19.95 -15.51
N LEU B 173 -10.96 18.94 -14.64
CA LEU B 173 -9.66 18.34 -14.33
C LEU B 173 -9.09 17.67 -15.56
N ALA B 174 -9.94 16.95 -16.29
CA ALA B 174 -9.53 16.28 -17.52
C ALA B 174 -9.02 17.28 -18.54
N ASP B 175 -9.73 18.39 -18.72
CA ASP B 175 -9.28 19.42 -19.64
C ASP B 175 -7.89 19.99 -19.28
N ALA B 176 -7.54 19.93 -17.99
CA ALA B 176 -6.23 20.38 -17.51
C ALA B 176 -5.18 19.25 -17.53
N GLY B 177 -5.57 18.10 -18.07
CA GLY B 177 -4.69 16.96 -18.17
C GLY B 177 -4.49 16.16 -16.89
N LEU B 178 -5.38 16.29 -15.89
CA LEU B 178 -5.18 15.68 -14.58
C LEU B 178 -5.84 14.32 -14.36
N VAL B 179 -6.91 14.04 -15.10
CA VAL B 179 -7.60 12.75 -14.97
C VAL B 179 -7.93 12.20 -16.34
N PRO B 180 -8.08 10.87 -16.47
CA PRO B 180 -8.45 10.28 -17.76
C PRO B 180 -9.86 10.65 -18.16
N TRP B 181 -10.09 10.80 -19.45
CA TRP B 181 -11.41 11.18 -19.95
C TRP B 181 -11.47 10.73 -21.40
N PRO B 182 -12.66 10.36 -21.89
CA PRO B 182 -12.71 9.93 -23.28
C PRO B 182 -12.36 11.05 -24.25
N LYS B 183 -11.56 10.77 -25.28
CA LYS B 183 -11.32 11.71 -26.38
C LYS B 183 -12.66 12.01 -27.04
N PRO B 184 -12.75 13.16 -27.71
CA PRO B 184 -14.01 13.39 -28.43
C PRO B 184 -14.22 12.35 -29.55
N GLY B 185 -15.42 11.81 -29.67
CA GLY B 185 -15.72 10.84 -30.71
C GLY B 185 -15.53 9.39 -30.28
N GLU B 186 -14.83 9.17 -29.17
CA GLU B 186 -14.51 7.82 -28.75
C GLU B 186 -15.71 7.15 -28.10
N LEU B 187 -16.51 7.89 -27.34
CA LEU B 187 -17.70 7.30 -26.75
C LEU B 187 -18.62 6.80 -27.87
N ALA B 188 -18.72 7.59 -28.94
CA ALA B 188 -19.51 7.19 -30.11
C ALA B 188 -18.90 5.99 -30.82
N ARG B 189 -17.57 5.93 -30.93
CA ARG B 189 -16.93 4.77 -31.54
C ARG B 189 -17.33 3.51 -30.75
N ARG B 190 -17.32 3.61 -29.43
CA ARG B 190 -17.54 2.44 -28.59
C ARG B 190 -19.00 2.05 -28.54
N LEU B 191 -19.89 3.03 -28.46
CA LEU B 191 -21.32 2.74 -28.52
C LEU B 191 -21.66 1.98 -29.81
N ALA B 192 -21.05 2.36 -30.92
CA ALA B 192 -21.23 1.66 -32.18
C ALA B 192 -20.73 0.21 -32.14
N GLU B 193 -19.55 -0.01 -31.59
CA GLU B 193 -18.99 -1.36 -31.42
C GLU B 193 -19.96 -2.27 -30.67
N LEU B 194 -20.60 -1.75 -29.63
CA LEU B 194 -21.48 -2.55 -28.80
C LEU B 194 -22.72 -2.99 -29.56
N ASN B 195 -23.12 -2.18 -30.53
CA ASN B 195 -24.22 -2.54 -31.42
C ASN B 195 -25.52 -2.94 -30.71
N GLY B 196 -25.82 -2.25 -29.63
CA GLY B 196 -27.08 -2.43 -28.95
C GLY B 196 -27.11 -3.65 -28.05
N GLN B 197 -25.97 -4.33 -27.93
CA GLN B 197 -25.90 -5.54 -27.13
C GLN B 197 -25.21 -5.26 -25.80
N LEU B 198 -25.94 -5.51 -24.72
CA LEU B 198 -25.44 -5.22 -23.37
C LEU B 198 -24.53 -6.36 -22.91
N PRO B 199 -23.26 -6.06 -22.62
CA PRO B 199 -22.38 -7.12 -22.13
C PRO B 199 -22.89 -7.69 -20.80
N ASP B 200 -22.48 -8.91 -20.48
CA ASP B 200 -22.92 -9.49 -19.22
C ASP B 200 -22.21 -8.89 -18.01
N VAL B 201 -22.71 -9.25 -16.84
CA VAL B 201 -22.21 -8.66 -15.60
C VAL B 201 -20.74 -8.96 -15.37
N ARG B 202 -20.31 -10.18 -15.72
CA ARG B 202 -18.88 -10.50 -15.53
C ARG B 202 -18.02 -9.56 -16.37
N TRP B 203 -18.48 -9.22 -17.58
CA TRP B 203 -17.74 -8.28 -18.40
C TRP B 203 -17.60 -6.93 -17.70
N PHE B 204 -18.69 -6.45 -17.08
CA PHE B 204 -18.63 -5.20 -16.33
C PHE B 204 -17.58 -5.29 -15.20
N GLN B 205 -17.60 -6.39 -14.46
CA GLN B 205 -16.63 -6.61 -13.38
C GLN B 205 -15.19 -6.59 -13.91
N GLN B 206 -14.95 -7.23 -15.05
CA GLN B 206 -13.62 -7.31 -15.61
C GLN B 206 -13.15 -5.93 -16.01
N GLN B 207 -14.02 -5.14 -16.60
CA GLN B 207 -13.63 -3.79 -17.02
C GLN B 207 -13.36 -2.91 -15.82
N LEU B 208 -14.21 -2.99 -14.80
CA LEU B 208 -14.05 -2.17 -13.61
C LEU B 208 -12.71 -2.47 -12.92
N ALA B 209 -12.36 -3.75 -12.81
CA ALA B 209 -11.07 -4.10 -12.21
C ALA B 209 -9.91 -3.48 -13.01
N ARG B 210 -10.02 -3.53 -14.33
CA ARG B 210 -8.97 -2.98 -15.21
C ARG B 210 -8.78 -1.48 -14.95
N HIS B 211 -9.89 -0.81 -14.65
CA HIS B 211 -9.87 0.62 -14.35
C HIS B 211 -9.26 0.94 -13.00
N GLY B 212 -9.26 -0.05 -12.11
CA GLY B 212 -8.59 0.08 -10.83
C GLY B 212 -9.45 -0.25 -9.63
N TYR B 213 -10.74 -0.51 -9.85
CA TYR B 213 -11.68 -0.70 -8.74
C TYR B 213 -11.52 -2.08 -8.13
N LEU B 214 -11.70 -2.14 -6.82
CA LEU B 214 -11.91 -3.39 -6.15
C LEU B 214 -13.34 -3.82 -6.43
N VAL B 215 -13.49 -5.00 -7.01
CA VAL B 215 -14.83 -5.47 -7.43
C VAL B 215 -14.84 -7.00 -7.46
N PRO B 216 -15.99 -7.62 -7.13
CA PRO B 216 -16.06 -9.08 -7.27
C PRO B 216 -15.94 -9.56 -8.72
N GLN B 217 -15.62 -10.84 -8.92
CA GLN B 217 -15.54 -11.43 -10.26
C GLN B 217 -16.47 -12.63 -10.39
N THR B 218 -17.62 -12.51 -9.74
CA THR B 218 -18.59 -13.60 -9.61
C THR B 218 -19.57 -13.71 -10.78
N GLY B 219 -19.68 -12.69 -11.59
CA GLY B 219 -20.65 -12.73 -12.69
C GLY B 219 -22.06 -12.41 -12.23
N GLU B 220 -22.20 -12.03 -10.96
CA GLU B 220 -23.51 -11.80 -10.36
C GLU B 220 -23.64 -10.35 -9.90
N LEU B 221 -24.80 -9.75 -10.15
CA LEU B 221 -24.99 -8.34 -9.83
C LEU B 221 -25.62 -8.23 -8.45
N GLU B 222 -24.78 -8.32 -7.42
CA GLU B 222 -25.22 -8.17 -6.04
C GLU B 222 -24.74 -6.81 -5.56
N LYS B 223 -25.12 -6.41 -4.36
CA LYS B 223 -24.81 -5.06 -3.88
C LYS B 223 -23.37 -4.63 -4.07
N ASP B 224 -22.42 -5.52 -3.77
CA ASP B 224 -21.01 -5.15 -3.87
C ASP B 224 -20.60 -4.75 -5.30
N THR B 225 -21.15 -5.40 -6.34
CA THR B 225 -20.86 -5.01 -7.71
C THR B 225 -21.63 -3.76 -8.11
N ARG B 226 -22.91 -3.71 -7.72
CA ARG B 226 -23.71 -2.55 -8.01
C ARG B 226 -23.04 -1.29 -7.44
N ASP B 227 -22.51 -1.35 -6.23
CA ASP B 227 -21.86 -0.17 -5.64
C ASP B 227 -20.67 0.32 -6.45
N VAL B 228 -19.92 -0.61 -7.03
CA VAL B 228 -18.77 -0.25 -7.88
C VAL B 228 -19.20 0.34 -9.22
N ILE B 229 -20.19 -0.28 -9.88
CA ILE B 229 -20.76 0.26 -11.11
C ILE B 229 -21.24 1.69 -10.81
N GLY B 230 -21.89 1.86 -9.66
CA GLY B 230 -22.40 3.17 -9.28
C GLY B 230 -21.33 4.20 -9.00
N ALA B 231 -20.23 3.78 -8.42
CA ALA B 231 -19.13 4.72 -8.20
C ALA B 231 -18.57 5.23 -9.55
N PHE B 232 -18.37 4.30 -10.49
CA PHE B 232 -17.90 4.63 -11.81
C PHE B 232 -18.89 5.59 -12.52
N GLN B 233 -20.17 5.27 -12.43
CA GLN B 233 -21.20 6.14 -13.01
C GLN B 233 -21.22 7.51 -12.36
N MET B 234 -21.04 7.57 -11.07
CA MET B 234 -21.08 8.83 -10.36
C MET B 234 -20.01 9.81 -10.85
N LYS B 235 -18.92 9.25 -11.32
CA LYS B 235 -17.80 10.02 -11.86
C LYS B 235 -17.98 10.38 -13.34
N TYR B 236 -18.37 9.44 -14.19
CA TYR B 236 -18.39 9.66 -15.64
C TYR B 236 -19.78 9.85 -16.26
N ARG B 237 -20.81 9.53 -15.49
CA ARG B 237 -22.19 9.54 -15.97
C ARG B 237 -23.12 9.90 -14.82
N PRO B 238 -22.90 11.07 -14.19
CA PRO B 238 -23.60 11.39 -12.94
C PRO B 238 -25.11 11.63 -13.04
N ALA B 239 -25.69 11.65 -14.22
CA ALA B 239 -27.15 11.72 -14.40
C ALA B 239 -27.84 10.55 -13.69
N ARG B 240 -27.20 9.40 -13.72
CA ARG B 240 -27.71 8.20 -13.07
CA ARG B 240 -27.72 8.18 -13.09
C ARG B 240 -26.57 7.29 -12.60
N PHE B 241 -26.53 7.05 -11.30
CA PHE B 241 -25.49 6.23 -10.70
C PHE B 241 -26.06 5.19 -9.75
N ASP B 242 -27.14 4.54 -10.21
CA ASP B 242 -27.84 3.52 -9.43
C ASP B 242 -27.16 2.15 -9.49
N GLY B 243 -26.09 2.05 -10.27
CA GLY B 243 -25.30 0.84 -10.37
C GLY B 243 -25.85 -0.20 -11.31
N GLU B 244 -26.87 0.18 -12.09
CA GLU B 244 -27.47 -0.74 -13.03
C GLU B 244 -26.67 -0.69 -14.33
N PRO B 245 -26.22 -1.87 -14.81
CA PRO B 245 -25.53 -1.88 -16.11
C PRO B 245 -26.41 -1.40 -17.25
N ASP B 246 -25.82 -0.58 -18.12
CA ASP B 246 -26.49 -0.13 -19.33
C ASP B 246 -25.47 0.13 -20.43
N LEU B 247 -25.97 0.36 -21.64
CA LEU B 247 -25.09 0.49 -22.80
C LEU B 247 -24.16 1.68 -22.67
N GLU B 248 -24.68 2.79 -22.17
CA GLU B 248 -23.84 3.97 -21.98
C GLU B 248 -22.66 3.70 -21.04
N THR B 249 -22.92 2.98 -19.95
CA THR B 249 -21.89 2.69 -18.98
C THR B 249 -20.85 1.74 -19.62
N ALA B 250 -21.31 0.77 -20.39
CA ALA B 250 -20.40 -0.14 -21.10
C ALA B 250 -19.49 0.65 -22.04
N ALA B 251 -20.07 1.58 -22.79
CA ALA B 251 -19.31 2.40 -23.73
C ALA B 251 -18.25 3.23 -22.99
N LEU B 252 -18.61 3.77 -21.84
CA LEU B 252 -17.69 4.56 -21.02
C LEU B 252 -16.53 3.69 -20.47
N LEU B 253 -16.87 2.48 -20.04
CA LEU B 253 -15.82 1.53 -19.59
C LEU B 253 -14.78 1.23 -20.68
N LEU B 254 -15.20 1.23 -21.94
CA LEU B 254 -14.28 1.08 -23.05
C LEU B 254 -13.58 2.38 -23.46
N ALA B 255 -14.31 3.48 -23.41
CA ALA B 255 -13.85 4.78 -23.92
C ALA B 255 -12.97 5.55 -22.95
N VAL B 256 -13.18 5.38 -21.66
CA VAL B 256 -12.32 5.98 -20.68
C VAL B 256 -11.02 5.21 -20.70
N PRO B 257 -9.91 6.00 -21.02
CA PRO B 257 -8.67 5.24 -21.17
C PRO B 257 -8.01 4.75 -19.89
N THR B 258 -7.33 3.62 -19.94
CA THR B 258 -6.46 3.19 -18.86
C THR B 258 -5.27 4.12 -18.82
N SER B 259 -4.80 4.47 -17.63
CA SER B 259 -3.88 5.57 -17.46
C SER B 259 -4.62 6.78 -18.04
#